data_4ZSH
#
_entry.id   4ZSH
#
_cell.length_a   64.010
_cell.length_b   64.010
_cell.length_c   112.070
_cell.angle_alpha   90.00
_cell.angle_beta   90.00
_cell.angle_gamma   90.00
#
_symmetry.space_group_name_H-M   'P 43 21 2'
#
loop_
_entity.id
_entity.type
_entity.pdbx_description
1 polymer 'Retinoic acid receptor RXR-alpha'
2 polymer 'NCoA2 peptide'
3 non-polymer '(5S,6S,9R,13R)-2,3-didehydro-5,6,7,8,9,10,11,12,13,14-decahydroretinoic acid'
4 water water
#
loop_
_entity_poly.entity_id
_entity_poly.type
_entity_poly.pdbx_seq_one_letter_code
_entity_poly.pdbx_strand_id
1 'polypeptide(L)'
;TSSANEDMPVERILEAELAVEPKTETYVEANMGLNPSSPNDPVTNICQAADKQLFTLVEWAKRIPHFSELPLDDQVILLR
AGWNELLIASFSHRSIAVKDGILLATGLHVHRNSAHSAGVGAIFDRVLTELVSKMRDMQMDKTELGCLRAIVLFNPDSKG
LSNPAEVEALREKVYASLEAYCKHKYPEQPGRFAKLLLRLPALRSIGLKCLEHLFFFKLIGDTPIDTFLMEMLEAPHQMT
;
A
2 'polypeptide(L)' KHKILHRLLQDSS B
#
# COMPACT_ATOMS: atom_id res chain seq x y z
N ASP A 7 -12.81 -8.22 -17.69
CA ASP A 7 -12.39 -9.26 -16.75
C ASP A 7 -11.58 -8.71 -15.56
N MET A 8 -10.85 -7.62 -15.76
CA MET A 8 -10.24 -6.85 -14.67
C MET A 8 -10.50 -5.38 -14.99
N PRO A 9 -11.76 -4.95 -14.87
CA PRO A 9 -12.21 -3.59 -15.17
C PRO A 9 -11.65 -2.53 -14.22
N VAL A 10 -11.04 -1.51 -14.80
CA VAL A 10 -10.44 -0.45 -14.00
C VAL A 10 -11.52 0.24 -13.20
N GLU A 11 -12.76 0.17 -13.69
CA GLU A 11 -13.88 0.75 -12.95
C GLU A 11 -14.08 0.08 -11.58
N ARG A 12 -13.90 -1.24 -11.52
CA ARG A 12 -14.04 -1.97 -10.26
C ARG A 12 -12.89 -1.63 -9.32
N ILE A 13 -11.72 -1.46 -9.93
CA ILE A 13 -10.57 -1.08 -9.13
C ILE A 13 -10.76 0.34 -8.56
N LEU A 14 -11.27 1.26 -9.37
CA LEU A 14 -11.53 2.60 -8.87
C LEU A 14 -12.56 2.54 -7.74
N GLU A 15 -13.62 1.75 -7.95
CA GLU A 15 -14.67 1.58 -6.94
C GLU A 15 -14.13 1.11 -5.61
N ALA A 16 -13.16 0.20 -5.65
CA ALA A 16 -12.46 -0.27 -4.46
C ALA A 16 -11.76 0.86 -3.71
N GLU A 17 -10.99 1.67 -4.43
CA GLU A 17 -10.39 2.85 -3.82
C GLU A 17 -11.43 3.78 -3.21
N LEU A 18 -12.49 4.05 -3.97
CA LEU A 18 -13.49 4.99 -3.49
C LEU A 18 -14.24 4.44 -2.27
N ALA A 19 -14.44 3.13 -2.24
CA ALA A 19 -15.24 2.53 -1.18
C ALA A 19 -14.53 2.68 0.15
N VAL A 20 -13.21 2.78 0.10
CA VAL A 20 -12.38 2.71 1.29
C VAL A 20 -11.88 4.07 1.76
N GLU A 21 -11.99 5.09 0.89
CA GLU A 21 -11.54 6.46 1.19
C GLU A 21 -12.11 7.04 2.50
N PRO A 22 -11.26 7.73 3.30
CA PRO A 22 -11.77 8.33 4.54
C PRO A 22 -12.33 9.73 4.31
N ASN A 40 1.75 13.13 20.23
CA ASN A 40 3.00 13.80 20.60
C ASN A 40 4.22 13.17 19.90
N ASP A 41 4.15 11.87 19.67
CA ASP A 41 5.14 11.15 18.89
C ASP A 41 4.52 10.92 17.52
N PRO A 42 5.10 11.49 16.47
CA PRO A 42 4.55 11.13 15.16
C PRO A 42 4.62 9.63 14.84
N VAL A 43 5.62 8.92 15.36
CA VAL A 43 5.76 7.48 15.11
C VAL A 43 4.55 6.78 15.74
N THR A 44 4.20 7.15 16.96
CA THR A 44 3.03 6.56 17.60
C THR A 44 1.76 6.85 16.78
N ASN A 45 1.60 8.08 16.33
CA ASN A 45 0.40 8.44 15.58
C ASN A 45 0.35 7.68 14.25
N ILE A 46 1.50 7.55 13.58
CA ILE A 46 1.56 6.79 12.31
C ILE A 46 1.28 5.31 12.53
N CYS A 47 1.86 4.74 13.59
CA CYS A 47 1.62 3.33 13.85
C CYS A 47 0.17 3.06 14.23
N GLN A 48 -0.44 3.95 15.02
CA GLN A 48 -1.85 3.79 15.35
C GLN A 48 -2.74 3.79 14.11
N ALA A 49 -2.44 4.73 13.21
CA ALA A 49 -3.15 4.85 11.98
C ALA A 49 -2.92 3.64 11.08
N ALA A 50 -1.71 3.09 11.08
CA ALA A 50 -1.45 1.95 10.22
C ALA A 50 -2.29 0.77 10.71
N ASP A 51 -2.34 0.59 12.03
CA ASP A 51 -3.15 -0.50 12.59
C ASP A 51 -4.61 -0.40 12.16
N LYS A 52 -5.17 0.80 12.22
CA LYS A 52 -6.56 1.04 11.82
C LYS A 52 -6.74 0.78 10.33
N GLN A 53 -5.76 1.19 9.53
CA GLN A 53 -5.89 1.05 8.09
C GLN A 53 -5.69 -0.38 7.63
N LEU A 54 -5.14 -1.24 8.49
CA LEU A 54 -5.02 -2.65 8.13
C LEU A 54 -6.40 -3.31 8.07
N PHE A 55 -7.33 -2.88 8.93
CA PHE A 55 -8.68 -3.39 8.80
C PHE A 55 -9.31 -2.97 7.48
N THR A 56 -9.14 -1.72 7.11
CA THR A 56 -9.66 -1.18 5.89
C THR A 56 -9.00 -1.84 4.69
N LEU A 57 -7.72 -2.17 4.82
CA LEU A 57 -7.00 -2.85 3.74
C LEU A 57 -7.65 -4.17 3.34
N VAL A 58 -8.02 -4.96 4.33
CA VAL A 58 -8.69 -6.23 4.08
C VAL A 58 -9.98 -6.02 3.31
N GLU A 59 -10.77 -5.03 3.71
CA GLU A 59 -11.99 -4.72 2.98
C GLU A 59 -11.73 -4.24 1.54
N TRP A 60 -10.65 -3.48 1.33
CA TRP A 60 -10.21 -3.08 -0.01
C TRP A 60 -9.89 -4.30 -0.88
N ALA A 61 -9.04 -5.18 -0.35
CA ALA A 61 -8.59 -6.32 -1.12
C ALA A 61 -9.74 -7.18 -1.57
N LYS A 62 -10.74 -7.33 -0.71
CA LYS A 62 -11.94 -8.09 -1.07
C LYS A 62 -12.70 -7.50 -2.27
N ARG A 63 -12.59 -6.19 -2.46
CA ARG A 63 -13.24 -5.53 -3.58
C ARG A 63 -12.46 -5.58 -4.88
N ILE A 64 -11.22 -6.06 -4.84
CA ILE A 64 -10.44 -6.20 -6.06
C ILE A 64 -10.87 -7.49 -6.76
N PRO A 65 -11.27 -7.38 -8.04
CA PRO A 65 -11.77 -8.56 -8.75
C PRO A 65 -10.89 -9.80 -8.61
N HIS A 66 -11.52 -10.93 -8.30
CA HIS A 66 -10.89 -12.25 -8.24
C HIS A 66 -10.04 -12.51 -6.98
N PHE A 67 -9.78 -11.49 -6.18
CA PHE A 67 -8.99 -11.72 -4.97
C PHE A 67 -9.67 -12.66 -3.98
N SER A 68 -10.95 -12.45 -3.71
CA SER A 68 -11.68 -13.30 -2.76
C SER A 68 -11.93 -14.73 -3.26
N GLU A 69 -11.76 -14.96 -4.55
CA GLU A 69 -11.86 -16.31 -5.11
C GLU A 69 -10.56 -17.10 -4.96
N LEU A 70 -9.45 -16.43 -4.65
CA LEU A 70 -8.23 -17.15 -4.32
C LEU A 70 -8.44 -17.98 -3.05
N PRO A 71 -7.64 -19.04 -2.88
CA PRO A 71 -7.66 -19.79 -1.62
C PRO A 71 -7.38 -18.89 -0.45
N LEU A 72 -8.00 -19.17 0.69
CA LEU A 72 -7.85 -18.31 1.85
C LEU A 72 -6.39 -18.19 2.26
N ASP A 73 -5.65 -19.29 2.23
CA ASP A 73 -4.23 -19.22 2.61
C ASP A 73 -3.44 -18.28 1.70
N ASP A 74 -3.83 -18.18 0.42
CA ASP A 74 -3.10 -17.34 -0.51
C ASP A 74 -3.49 -15.89 -0.31
N GLN A 75 -4.74 -15.64 0.03
CA GLN A 75 -5.14 -14.28 0.38
C GLN A 75 -4.32 -13.77 1.57
N VAL A 76 -4.18 -14.61 2.59
CA VAL A 76 -3.30 -14.29 3.73
C VAL A 76 -1.86 -14.00 3.31
N ILE A 77 -1.30 -14.86 2.47
CA ILE A 77 0.07 -14.67 2.03
C ILE A 77 0.24 -13.34 1.31
N LEU A 78 -0.69 -13.02 0.43
CA LEU A 78 -0.57 -11.82 -0.35
C LEU A 78 -0.70 -10.58 0.49
N LEU A 79 -1.62 -10.60 1.47
CA LEU A 79 -1.77 -9.43 2.32
C LEU A 79 -0.61 -9.30 3.31
N ARG A 80 -0.12 -10.42 3.84
CA ARG A 80 1.04 -10.33 4.71
C ARG A 80 2.29 -9.83 3.95
N ALA A 81 2.43 -10.22 2.70
CA ALA A 81 3.59 -9.81 1.89
C ALA A 81 3.48 -8.36 1.46
N GLY A 82 2.27 -7.86 1.26
CA GLY A 82 2.11 -6.54 0.63
C GLY A 82 1.59 -5.39 1.48
N TRP A 83 1.18 -5.66 2.72
CA TRP A 83 0.44 -4.67 3.47
C TRP A 83 1.20 -3.36 3.58
N ASN A 84 2.52 -3.41 3.83
CA ASN A 84 3.21 -2.18 4.09
C ASN A 84 3.34 -1.30 2.82
N GLU A 85 3.69 -1.91 1.70
CA GLU A 85 3.68 -1.19 0.42
C GLU A 85 2.28 -0.70 0.07
N LEU A 86 1.24 -1.49 0.35
CA LEU A 86 -0.11 -1.05 0.02
C LEU A 86 -0.53 0.16 0.88
N LEU A 87 -0.16 0.16 2.15
CA LEU A 87 -0.53 1.28 3.02
C LEU A 87 0.29 2.52 2.72
N ILE A 88 1.54 2.31 2.34
CA ILE A 88 2.41 3.45 2.03
C ILE A 88 1.94 4.14 0.75
N ALA A 89 1.56 3.34 -0.25
CA ALA A 89 1.04 3.88 -1.50
C ALA A 89 -0.19 4.71 -1.21
N SER A 90 -1.06 4.18 -0.36
CA SER A 90 -2.30 4.87 -0.06
C SER A 90 -2.07 6.21 0.65
N PHE A 91 -1.30 6.22 1.73
CA PHE A 91 -1.11 7.52 2.41
C PHE A 91 -0.32 8.50 1.54
N SER A 92 0.61 7.97 0.74
CA SER A 92 1.37 8.82 -0.15
C SER A 92 0.48 9.55 -1.15
N HIS A 93 -0.41 8.82 -1.79
CA HIS A 93 -1.26 9.48 -2.77
C HIS A 93 -2.25 10.42 -2.09
N ARG A 94 -2.67 10.07 -0.88
CA ARG A 94 -3.57 10.94 -0.11
C ARG A 94 -2.91 12.28 0.21
N SER A 95 -1.59 12.29 0.17
CA SER A 95 -0.79 13.39 0.70
C SER A 95 -0.33 14.35 -0.40
N ILE A 96 -0.85 14.14 -1.60
CA ILE A 96 -0.35 14.83 -2.77
C ILE A 96 -0.40 16.37 -2.66
N ALA A 97 -1.40 16.88 -1.96
CA ALA A 97 -1.63 18.32 -1.88
C ALA A 97 -1.08 18.89 -0.57
N VAL A 98 -0.36 18.06 0.16
CA VAL A 98 0.18 18.47 1.45
C VAL A 98 1.58 18.97 1.19
N LYS A 99 1.92 20.12 1.76
CA LYS A 99 3.28 20.63 1.63
C LYS A 99 4.21 19.97 2.65
N ASP A 100 5.23 19.27 2.15
CA ASP A 100 6.28 18.70 2.98
C ASP A 100 5.79 17.83 4.16
N GLY A 101 4.72 17.06 3.95
CA GLY A 101 4.20 16.18 4.99
C GLY A 101 3.23 15.14 4.46
N ILE A 102 2.62 14.42 5.38
CA ILE A 102 1.65 13.40 5.00
C ILE A 102 0.33 13.59 5.72
N LEU A 103 -0.72 13.05 5.14
CA LEU A 103 -2.02 13.08 5.78
C LEU A 103 -2.45 11.67 6.12
N LEU A 104 -2.65 11.43 7.41
CA LEU A 104 -3.11 10.14 7.88
C LEU A 104 -4.61 9.99 7.65
N ALA A 105 -5.08 8.75 7.69
CA ALA A 105 -6.51 8.47 7.57
C ALA A 105 -7.30 8.99 8.73
N THR A 106 -6.61 9.26 9.84
CA THR A 106 -7.23 9.83 11.00
C THR A 106 -7.50 11.32 10.81
N GLY A 107 -7.04 11.89 9.69
CA GLY A 107 -7.15 13.31 9.43
C GLY A 107 -5.97 14.15 9.92
N LEU A 108 -5.11 13.57 10.75
CA LEU A 108 -3.91 14.27 11.24
C LEU A 108 -2.84 14.45 10.13
N HIS A 109 -2.29 15.66 10.04
CA HIS A 109 -1.18 15.94 9.14
C HIS A 109 0.10 15.81 9.91
N VAL A 110 1.11 15.13 9.33
CA VAL A 110 2.43 15.04 9.93
C VAL A 110 3.45 15.72 8.99
N HIS A 111 4.16 16.71 9.53
CA HIS A 111 5.13 17.46 8.75
C HIS A 111 6.52 16.84 8.88
N ARG A 112 7.37 17.07 7.89
CA ARG A 112 8.72 16.51 7.94
C ARG A 112 9.53 16.97 9.15
N ASN A 113 9.33 18.22 9.55
CA ASN A 113 9.97 18.70 10.76
C ASN A 113 9.70 17.81 11.97
N SER A 114 8.46 17.34 12.11
CA SER A 114 8.11 16.49 13.24
C SER A 114 8.78 15.12 13.10
N ALA A 115 8.75 14.56 11.90
CA ALA A 115 9.44 13.28 11.67
C ALA A 115 10.94 13.40 11.99
N HIS A 116 11.57 14.49 11.54
CA HIS A 116 12.99 14.67 11.77
C HIS A 116 13.25 14.73 13.26
N SER A 117 12.40 15.45 13.98
CA SER A 117 12.61 15.65 15.41
C SER A 117 12.33 14.38 16.22
N ALA A 118 11.79 13.35 15.54
CA ALA A 118 11.53 12.06 16.18
C ALA A 118 12.53 11.01 15.79
N GLY A 119 13.52 11.37 14.99
CA GLY A 119 14.54 10.42 14.63
C GLY A 119 14.26 9.60 13.42
N VAL A 120 13.18 9.92 12.70
CA VAL A 120 12.86 9.17 11.49
C VAL A 120 12.80 10.06 10.25
N GLY A 121 13.60 11.13 10.23
CA GLY A 121 13.57 12.06 9.13
C GLY A 121 14.00 11.49 7.79
N ALA A 122 15.00 10.61 7.81
CA ALA A 122 15.54 10.07 6.58
C ALA A 122 14.48 9.29 5.79
N ILE A 123 13.83 8.32 6.44
CA ILE A 123 12.85 7.54 5.75
C ILE A 123 11.64 8.40 5.36
N PHE A 124 11.28 9.34 6.21
CA PHE A 124 10.15 10.22 5.91
C PHE A 124 10.43 11.04 4.64
N ASP A 125 11.65 11.55 4.53
CA ASP A 125 12.09 12.31 3.36
C ASP A 125 12.10 11.46 2.08
N ARG A 126 12.47 10.18 2.19
CA ARG A 126 12.36 9.29 1.04
C ARG A 126 10.91 9.18 0.59
N VAL A 127 10.00 9.06 1.57
CA VAL A 127 8.60 8.97 1.21
C VAL A 127 8.18 10.23 0.43
N LEU A 128 8.53 11.39 0.94
CA LEU A 128 8.17 12.63 0.28
C LEU A 128 8.77 12.79 -1.11
N THR A 129 10.05 12.47 -1.22
CA THR A 129 10.80 12.76 -2.42
C THR A 129 10.57 11.73 -3.50
N GLU A 130 10.46 10.47 -3.10
CA GLU A 130 10.37 9.39 -4.08
C GLU A 130 8.93 9.00 -4.42
N LEU A 131 7.99 9.31 -3.53
CA LEU A 131 6.61 8.88 -3.75
C LEU A 131 5.65 10.06 -3.87
N VAL A 132 5.45 10.80 -2.79
CA VAL A 132 4.45 11.86 -2.78
C VAL A 132 4.72 12.90 -3.87
N SER A 133 5.93 13.44 -3.91
CA SER A 133 6.22 14.50 -4.88
C SER A 133 6.11 14.01 -6.30
N LYS A 134 6.47 12.77 -6.51
CA LYS A 134 6.39 12.20 -7.84
C LYS A 134 4.94 11.93 -8.26
N MET A 135 4.12 11.44 -7.33
CA MET A 135 2.71 11.27 -7.59
C MET A 135 2.11 12.64 -7.93
N ARG A 136 2.54 13.63 -7.17
CA ARG A 136 2.03 15.00 -7.36
C ARG A 136 2.45 15.55 -8.72
N ASP A 137 3.73 15.40 -9.03
CA ASP A 137 4.28 15.98 -10.25
C ASP A 137 3.57 15.42 -11.49
N MET A 138 3.22 14.14 -11.49
CA MET A 138 2.55 13.56 -12.66
C MET A 138 1.03 13.53 -12.55
N GLN A 139 0.47 14.03 -11.45
CA GLN A 139 -0.97 13.96 -11.21
C GLN A 139 -1.51 12.54 -11.36
N MET A 140 -0.87 11.61 -10.67
CA MET A 140 -1.33 10.24 -10.64
C MET A 140 -2.75 10.29 -10.15
N ASP A 141 -3.66 9.64 -10.88
CA ASP A 141 -5.07 9.61 -10.48
C ASP A 141 -5.41 8.36 -9.66
N LYS A 142 -6.65 8.30 -9.18
CA LYS A 142 -7.05 7.24 -8.25
C LYS A 142 -7.19 5.88 -8.93
N THR A 143 -7.53 5.88 -10.22
CA THR A 143 -7.58 4.63 -10.98
C THR A 143 -6.17 4.06 -11.10
N GLU A 144 -5.23 4.94 -11.41
CA GLU A 144 -3.84 4.56 -11.52
C GLU A 144 -3.28 4.03 -10.19
N LEU A 145 -3.54 4.77 -9.11
CA LEU A 145 -3.12 4.34 -7.79
C LEU A 145 -3.73 2.98 -7.50
N GLY A 146 -5.01 2.84 -7.81
CA GLY A 146 -5.71 1.63 -7.50
C GLY A 146 -5.10 0.44 -8.23
N CYS A 147 -4.82 0.61 -9.51
CA CYS A 147 -4.17 -0.42 -10.30
C CYS A 147 -2.78 -0.77 -9.80
N LEU A 148 -2.00 0.23 -9.41
CA LEU A 148 -0.64 -0.05 -8.92
C LEU A 148 -0.75 -0.87 -7.65
N ARG A 149 -1.73 -0.53 -6.82
CA ARG A 149 -1.89 -1.27 -5.57
C ARG A 149 -2.33 -2.71 -5.86
N ALA A 150 -3.18 -2.88 -6.88
CA ALA A 150 -3.63 -4.20 -7.24
C ALA A 150 -2.47 -5.01 -7.77
N ILE A 151 -1.55 -4.37 -8.49
CA ILE A 151 -0.34 -5.07 -8.94
C ILE A 151 0.48 -5.53 -7.75
N VAL A 152 0.67 -4.63 -6.79
CA VAL A 152 1.37 -4.96 -5.56
C VAL A 152 0.70 -6.13 -4.81
N LEU A 153 -0.62 -6.08 -4.72
CA LEU A 153 -1.36 -7.12 -4.02
C LEU A 153 -1.13 -8.45 -4.70
N PHE A 154 -1.35 -8.50 -6.01
CA PHE A 154 -1.11 -9.71 -6.78
C PHE A 154 0.38 -9.91 -7.09
N ASN A 155 1.16 -10.17 -6.06
CA ASN A 155 2.60 -10.36 -6.20
C ASN A 155 2.92 -11.84 -6.30
N PRO A 156 3.23 -12.34 -7.51
CA PRO A 156 3.40 -13.79 -7.68
C PRO A 156 4.70 -14.31 -7.09
N ASP A 157 5.58 -13.41 -6.63
CA ASP A 157 6.79 -13.82 -5.95
C ASP A 157 6.60 -14.12 -4.45
N SER A 158 5.44 -13.81 -3.90
CA SER A 158 5.16 -14.13 -2.50
C SER A 158 5.35 -15.62 -2.19
N LYS A 159 6.10 -15.92 -1.14
CA LYS A 159 6.49 -17.30 -0.87
C LYS A 159 5.33 -18.08 -0.26
N GLY A 160 5.19 -19.32 -0.69
CA GLY A 160 4.19 -20.23 -0.12
C GLY A 160 2.90 -20.27 -0.90
N LEU A 161 2.77 -19.41 -1.91
CA LEU A 161 1.58 -19.41 -2.77
C LEU A 161 1.24 -20.79 -3.32
N SER A 162 0.00 -21.22 -3.14
CA SER A 162 -0.44 -22.51 -3.69
C SER A 162 -0.34 -22.54 -5.21
N ASN A 163 -0.59 -21.40 -5.87
CA ASN A 163 -0.51 -21.34 -7.33
C ASN A 163 -0.01 -19.98 -7.80
N PRO A 164 1.32 -19.79 -7.84
CA PRO A 164 1.91 -18.54 -8.31
C PRO A 164 1.39 -18.10 -9.68
N ALA A 165 1.27 -19.04 -10.62
CA ALA A 165 0.83 -18.74 -11.99
C ALA A 165 -0.51 -18.02 -12.03
N GLU A 166 -1.43 -18.40 -11.15
CA GLU A 166 -2.76 -17.79 -11.06
C GLU A 166 -2.61 -16.31 -10.66
N VAL A 167 -1.76 -16.05 -9.68
CA VAL A 167 -1.55 -14.69 -9.21
C VAL A 167 -0.83 -13.83 -10.27
N GLU A 168 0.16 -14.44 -10.93
CA GLU A 168 0.83 -13.82 -12.06
C GLU A 168 -0.19 -13.43 -13.15
N ALA A 169 -1.14 -14.32 -13.41
CA ALA A 169 -2.16 -14.05 -14.42
C ALA A 169 -3.03 -12.85 -14.01
N LEU A 170 -3.40 -12.79 -12.74
CA LEU A 170 -4.17 -11.65 -12.23
C LEU A 170 -3.36 -10.33 -12.29
N ARG A 171 -2.11 -10.37 -11.87
CA ARG A 171 -1.23 -9.23 -12.06
C ARG A 171 -1.21 -8.78 -13.54
N GLU A 172 -1.08 -9.73 -14.46
CA GLU A 172 -1.06 -9.40 -15.90
C GLU A 172 -2.32 -8.71 -16.38
N LYS A 173 -3.47 -9.18 -15.92
CA LYS A 173 -4.72 -8.55 -16.29
C LYS A 173 -4.82 -7.14 -15.76
N VAL A 174 -4.30 -6.90 -14.56
CA VAL A 174 -4.32 -5.54 -14.01
C VAL A 174 -3.43 -4.60 -14.82
N TYR A 175 -2.20 -5.02 -15.13
CA TYR A 175 -1.35 -4.06 -15.86
C TYR A 175 -1.82 -3.87 -17.29
N ALA A 176 -2.38 -4.92 -17.89
CA ALA A 176 -3.01 -4.76 -19.20
C ALA A 176 -4.12 -3.69 -19.14
N SER A 177 -4.99 -3.79 -18.15
CA SER A 177 -6.04 -2.80 -18.00
C SER A 177 -5.50 -1.39 -17.68
N LEU A 178 -4.44 -1.31 -16.88
CA LEU A 178 -3.86 -0.02 -16.57
C LEU A 178 -3.31 0.65 -17.81
N GLU A 179 -2.58 -0.12 -18.63
CA GLU A 179 -1.96 0.46 -19.82
C GLU A 179 -3.07 0.99 -20.73
N ALA A 180 -4.10 0.18 -20.92
CA ALA A 180 -5.21 0.59 -21.78
C ALA A 180 -5.81 1.88 -21.23
N TYR A 181 -6.06 1.93 -19.92
CA TYR A 181 -6.58 3.13 -19.28
C TYR A 181 -5.69 4.33 -19.57
N CYS A 182 -4.37 4.16 -19.38
CA CYS A 182 -3.46 5.29 -19.55
C CYS A 182 -3.44 5.79 -21.01
N LYS A 183 -3.30 4.86 -21.96
CA LYS A 183 -3.26 5.17 -23.38
C LYS A 183 -4.55 5.87 -23.83
N HIS A 184 -5.65 5.58 -23.15
CA HIS A 184 -6.92 6.17 -23.52
C HIS A 184 -7.17 7.51 -22.82
N LYS A 185 -6.77 7.61 -21.56
CA LYS A 185 -7.03 8.80 -20.75
C LYS A 185 -6.00 9.90 -20.97
N TYR A 186 -4.75 9.49 -21.18
CA TYR A 186 -3.61 10.39 -21.37
C TYR A 186 -2.83 10.04 -22.64
N PRO A 187 -3.50 10.05 -23.81
CA PRO A 187 -2.84 9.65 -25.05
C PRO A 187 -1.61 10.49 -25.39
N GLU A 188 -1.52 11.69 -24.81
CA GLU A 188 -0.42 12.61 -25.11
C GLU A 188 0.79 12.39 -24.22
N GLN A 189 0.71 11.37 -23.38
CA GLN A 189 1.82 10.99 -22.51
C GLN A 189 2.10 9.51 -22.72
N PRO A 190 2.85 9.17 -23.77
CA PRO A 190 3.06 7.75 -24.09
C PRO A 190 3.95 7.00 -23.07
N GLY A 191 4.70 7.74 -22.25
CA GLY A 191 5.55 7.13 -21.23
C GLY A 191 4.89 7.03 -19.87
N ARG A 192 3.64 7.48 -19.74
CA ARG A 192 2.94 7.49 -18.45
C ARG A 192 2.88 6.11 -17.77
N PHE A 193 2.51 5.10 -18.55
CA PHE A 193 2.41 3.74 -18.04
C PHE A 193 3.72 3.27 -17.43
N ALA A 194 4.82 3.45 -18.16
CA ALA A 194 6.13 3.07 -17.64
C ALA A 194 6.50 3.87 -16.39
N LYS A 195 6.16 5.16 -16.41
CA LYS A 195 6.43 6.03 -15.29
C LYS A 195 5.73 5.55 -14.02
N LEU A 196 4.49 5.11 -14.11
CA LEU A 196 3.79 4.55 -12.97
C LEU A 196 4.48 3.27 -12.48
N LEU A 197 4.76 2.35 -13.38
CA LEU A 197 5.37 1.08 -12.96
C LEU A 197 6.75 1.30 -12.34
N LEU A 198 7.44 2.34 -12.79
CA LEU A 198 8.79 2.61 -12.27
C LEU A 198 8.84 3.33 -10.94
N ARG A 199 7.69 3.57 -10.33
CA ARG A 199 7.68 3.95 -8.92
C ARG A 199 7.63 2.74 -7.99
N LEU A 200 7.44 1.53 -8.54
CA LEU A 200 7.32 0.34 -7.70
C LEU A 200 8.65 -0.11 -7.02
N PRO A 201 9.79 0.06 -7.70
CA PRO A 201 11.03 -0.31 -6.99
C PRO A 201 11.27 0.62 -5.78
N ALA A 202 10.99 1.91 -5.95
CA ALA A 202 11.07 2.83 -4.81
C ALA A 202 10.13 2.41 -3.68
N LEU A 203 8.91 2.07 -4.03
CA LEU A 203 7.91 1.66 -3.07
C LEU A 203 8.40 0.41 -2.33
N ARG A 204 8.99 -0.52 -3.05
CA ARG A 204 9.53 -1.76 -2.44
C ARG A 204 10.62 -1.42 -1.44
N SER A 205 11.56 -0.57 -1.86
CA SER A 205 12.67 -0.20 -0.99
C SER A 205 12.19 0.51 0.28
N ILE A 206 11.29 1.47 0.09
CA ILE A 206 10.74 2.23 1.23
C ILE A 206 9.96 1.34 2.17
N GLY A 207 9.17 0.43 1.63
CA GLY A 207 8.46 -0.51 2.49
C GLY A 207 9.38 -1.38 3.32
N LEU A 208 10.46 -1.84 2.71
CA LEU A 208 11.40 -2.66 3.46
C LEU A 208 12.06 -1.88 4.60
N LYS A 209 12.43 -0.64 4.34
CA LYS A 209 13.05 0.18 5.36
C LYS A 209 12.07 0.49 6.51
N CYS A 210 10.82 0.77 6.15
CA CYS A 210 9.79 0.99 7.17
C CYS A 210 9.63 -0.23 8.05
N LEU A 211 9.68 -1.41 7.46
CA LEU A 211 9.59 -2.63 8.27
C LEU A 211 10.75 -2.76 9.24
N GLU A 212 11.98 -2.50 8.78
CA GLU A 212 13.12 -2.50 9.68
C GLU A 212 12.89 -1.57 10.86
N HIS A 213 12.42 -0.36 10.58
CA HIS A 213 12.08 0.57 11.65
C HIS A 213 11.06 -0.04 12.62
N LEU A 214 9.94 -0.54 12.10
CA LEU A 214 8.92 -1.15 12.96
C LEU A 214 9.48 -2.26 13.82
N PHE A 215 10.36 -3.09 13.26
CA PHE A 215 10.91 -4.17 14.05
C PHE A 215 11.75 -3.62 15.17
N PHE A 216 12.44 -2.51 14.89
CA PHE A 216 13.24 -1.89 15.95
C PHE A 216 12.34 -1.31 17.05
N PHE A 217 11.26 -0.62 16.66
CA PHE A 217 10.36 0.00 17.65
C PHE A 217 9.80 -1.09 18.57
N LYS A 218 9.57 -2.26 17.99
CA LYS A 218 9.03 -3.39 18.72
C LYS A 218 10.08 -3.91 19.68
N LEU A 219 11.29 -4.09 19.17
CA LEU A 219 12.39 -4.59 19.96
C LEU A 219 12.69 -3.69 21.15
N ILE A 220 12.75 -2.39 20.90
CA ILE A 220 13.22 -1.42 21.88
C ILE A 220 12.10 -0.95 22.81
N GLY A 221 10.85 -1.15 22.39
CA GLY A 221 9.72 -0.81 23.22
C GLY A 221 9.38 0.68 23.20
N ASP A 222 9.84 1.43 22.20
CA ASP A 222 9.70 2.89 22.23
C ASP A 222 8.33 3.39 21.75
N THR A 223 7.44 2.47 21.38
CA THR A 223 6.20 2.82 20.70
C THR A 223 5.16 1.75 20.98
N PRO A 224 3.95 2.16 21.41
CA PRO A 224 2.88 1.16 21.48
C PRO A 224 2.53 0.65 20.08
N ILE A 225 2.44 -0.65 19.94
CA ILE A 225 2.11 -1.26 18.66
C ILE A 225 0.83 -2.06 18.85
N ASP A 226 -0.22 -1.67 18.13
CA ASP A 226 -1.54 -2.31 18.30
C ASP A 226 -1.60 -3.73 17.69
N THR A 227 -2.68 -4.47 17.96
CA THR A 227 -2.71 -5.91 17.72
C THR A 227 -2.56 -6.38 16.27
N PHE A 228 -3.09 -5.62 15.32
CA PHE A 228 -3.09 -6.08 13.95
C PHE A 228 -1.73 -5.78 13.34
N LEU A 229 -1.22 -4.59 13.60
CA LEU A 229 0.13 -4.25 13.20
C LEU A 229 1.10 -5.26 13.81
N MET A 230 0.92 -5.56 15.10
CA MET A 230 1.78 -6.53 15.77
C MET A 230 1.74 -7.89 15.07
N GLU A 231 0.55 -8.32 14.65
CA GLU A 231 0.39 -9.60 13.97
C GLU A 231 1.14 -9.60 12.65
N MET A 232 1.13 -8.46 11.96
CA MET A 232 1.84 -8.39 10.70
C MET A 232 3.33 -8.50 10.95
N LEU A 233 3.78 -8.14 12.14
CA LEU A 233 5.21 -8.24 12.44
C LEU A 233 5.60 -9.61 12.97
N GLU A 234 4.62 -10.49 13.19
CA GLU A 234 4.90 -11.85 13.66
C GLU A 234 5.50 -12.70 12.57
N ALA A 235 6.21 -13.75 12.97
CA ALA A 235 6.81 -14.65 11.98
C ALA A 235 5.69 -15.33 11.20
N PRO A 236 5.95 -15.73 9.94
CA PRO A 236 7.16 -15.55 9.12
C PRO A 236 7.49 -14.08 8.78
N LYS B 1 -2.21 -19.24 13.61
CA LYS B 1 -1.04 -18.43 13.30
C LYS B 1 -1.39 -16.94 13.27
N HIS B 2 -2.00 -16.51 12.17
CA HIS B 2 -2.29 -15.10 11.92
C HIS B 2 -3.78 -14.86 12.15
N LYS B 3 -4.19 -14.89 13.41
CA LYS B 3 -5.62 -15.05 13.70
C LYS B 3 -6.53 -13.88 13.27
N ILE B 4 -6.08 -12.65 13.41
CA ILE B 4 -6.95 -11.51 13.04
C ILE B 4 -7.21 -11.50 11.55
N LEU B 5 -6.14 -11.63 10.76
CA LEU B 5 -6.25 -11.62 9.31
C LEU B 5 -7.17 -12.73 8.80
N HIS B 6 -6.99 -13.94 9.32
CA HIS B 6 -7.85 -15.05 8.88
C HIS B 6 -9.33 -14.74 9.16
N ARG B 7 -9.59 -14.23 10.35
CA ARG B 7 -10.97 -13.95 10.73
C ARG B 7 -11.62 -12.89 9.88
N LEU B 8 -10.87 -11.83 9.55
CA LEU B 8 -11.41 -10.75 8.75
C LEU B 8 -11.65 -11.20 7.31
N LEU B 9 -10.84 -12.15 6.84
CA LEU B 9 -10.91 -12.59 5.44
C LEU B 9 -12.04 -13.59 5.26
N GLN B 10 -12.30 -14.36 6.31
CA GLN B 10 -13.39 -15.34 6.33
C GLN B 10 -14.70 -14.58 6.24
N ASP B 11 -15.55 -14.99 5.30
CA ASP B 11 -16.62 -14.14 4.77
C ASP B 11 -16.10 -12.75 4.38
#